data_2IFI
#
_entry.id   2IFI
#
_entity_poly.entity_id   1
_entity_poly.type   'polypeptide(L)'
_entity_poly.pdbx_seq_one_letter_code
;GCCSDARCAWRC(NH2)
;
_entity_poly.pdbx_strand_id   A
#
loop_
_chem_comp.id
_chem_comp.type
_chem_comp.name
_chem_comp.formula
NH2 non-polymer 'AMINO GROUP' 'H2 N'
#
# COMPACT_ATOMS: atom_id res chain seq x y z
N GLY A 1 -4.02 -5.69 -3.27
CA GLY A 1 -4.59 -4.33 -3.07
C GLY A 1 -3.60 -3.29 -2.51
N CYS A 2 -2.93 -2.56 -3.40
CA CYS A 2 -1.90 -1.55 -3.00
C CYS A 2 -2.41 -0.08 -3.07
N CYS A 3 -2.18 0.69 -1.99
CA CYS A 3 -2.72 2.06 -1.82
C CYS A 3 -1.72 3.02 -1.08
N SER A 4 -2.13 3.76 -0.02
CA SER A 4 -1.30 4.84 0.57
C SER A 4 -0.06 4.38 1.41
N ASP A 5 1.14 4.83 1.00
CA ASP A 5 2.47 4.32 1.45
C ASP A 5 2.81 4.28 2.98
N ALA A 6 2.43 5.27 3.78
CA ALA A 6 2.59 5.24 5.27
C ALA A 6 1.74 4.22 6.10
N ARG A 7 0.63 3.67 5.56
CA ARG A 7 -0.22 2.65 6.26
C ARG A 7 -0.51 1.39 5.38
N CYS A 8 -1.22 1.55 4.25
CA CYS A 8 -1.41 0.49 3.24
C CYS A 8 -0.10 0.13 2.43
N ALA A 9 -0.05 -1.07 1.82
CA ALA A 9 1.15 -1.54 1.07
C ALA A 9 1.35 -0.92 -0.35
N TRP A 10 2.61 -0.93 -0.78
CA TRP A 10 3.00 -0.80 -2.22
C TRP A 10 3.28 -2.16 -2.97
N ARG A 11 3.76 -3.22 -2.29
CA ARG A 11 4.06 -4.54 -2.93
C ARG A 11 2.77 -5.40 -3.17
N CYS A 12 2.51 -5.79 -4.42
CA CYS A 12 1.31 -6.57 -4.83
C CYS A 12 1.68 -7.63 -5.91
N NH2 A 13 1.20 -8.86 -5.79
HN1 NH2 A 13 1.53 -9.51 -6.52
HN2 NH2 A 13 0.73 -9.10 -4.91
N GLY A 1 -4.92 -4.74 -3.00
CA GLY A 1 -5.25 -3.30 -2.76
C GLY A 1 -4.09 -2.46 -2.20
N CYS A 2 -3.13 -2.11 -3.06
CA CYS A 2 -1.92 -1.33 -2.65
C CYS A 2 -2.12 0.22 -2.71
N CYS A 3 -2.90 0.73 -1.75
CA CYS A 3 -3.39 2.12 -1.74
C CYS A 3 -2.35 3.21 -1.30
N SER A 4 -2.43 3.79 -0.09
CA SER A 4 -1.47 4.83 0.38
C SER A 4 -0.16 4.26 1.04
N ASP A 5 0.97 4.30 0.32
CA ASP A 5 2.28 3.68 0.73
C ASP A 5 2.70 3.70 2.24
N ALA A 6 2.76 4.86 2.91
CA ALA A 6 3.17 4.94 4.34
C ALA A 6 2.31 4.21 5.44
N ARG A 7 1.09 3.74 5.13
CA ARG A 7 0.24 2.98 6.08
C ARG A 7 -0.38 1.71 5.39
N CYS A 8 -1.15 1.87 4.30
CA CYS A 8 -1.50 0.76 3.37
C CYS A 8 -0.29 0.19 2.54
N ALA A 9 -0.44 -1.02 1.99
CA ALA A 9 0.66 -1.70 1.24
C ALA A 9 1.08 -1.04 -0.12
N TRP A 10 2.22 -1.51 -0.65
CA TRP A 10 2.77 -1.11 -1.98
C TRP A 10 3.09 -2.28 -2.99
N ARG A 11 3.23 -3.55 -2.57
CA ARG A 11 3.39 -4.71 -3.49
C ARG A 11 2.10 -5.59 -3.49
N CYS A 12 1.38 -5.65 -4.62
CA CYS A 12 0.18 -6.53 -4.78
C CYS A 12 0.37 -7.55 -5.93
N NH2 A 13 0.50 -8.83 -5.65
HN1 NH2 A 13 0.55 -9.45 -6.48
HN2 NH2 A 13 0.42 -9.11 -4.67
N GLY A 1 -4.49 -5.29 -1.82
CA GLY A 1 -4.92 -3.88 -2.03
C GLY A 1 -3.84 -2.85 -1.68
N CYS A 2 -2.98 -2.53 -2.65
CA CYS A 2 -1.89 -1.54 -2.46
C CYS A 2 -2.32 -0.06 -2.70
N CYS A 3 -2.98 0.52 -1.68
CA CYS A 3 -3.53 1.89 -1.73
C CYS A 3 -2.52 2.99 -1.26
N SER A 4 -2.76 3.71 -0.15
CA SER A 4 -1.86 4.80 0.34
C SER A 4 -0.51 4.34 0.98
N ASP A 5 0.58 4.34 0.17
CA ASP A 5 1.93 3.80 0.52
C ASP A 5 2.50 3.91 1.99
N ALA A 6 2.45 5.09 2.61
CA ALA A 6 2.84 5.28 4.04
C ALA A 6 2.06 4.51 5.17
N ARG A 7 0.81 4.07 4.92
CA ARG A 7 0.04 3.20 5.86
C ARG A 7 -0.40 1.85 5.20
N CYS A 8 -1.15 1.90 4.10
CA CYS A 8 -1.46 0.75 3.23
C CYS A 8 -0.25 0.26 2.34
N ALA A 9 -0.31 -0.99 1.84
CA ALA A 9 0.85 -1.63 1.17
C ALA A 9 1.27 -1.07 -0.23
N TRP A 10 2.41 -1.57 -0.73
CA TRP A 10 2.91 -1.32 -2.12
C TRP A 10 3.32 -2.60 -2.96
N ARG A 11 3.41 -3.81 -2.38
CA ARG A 11 3.85 -5.06 -3.08
C ARG A 11 2.67 -6.06 -3.40
N CYS A 12 1.74 -5.69 -4.30
CA CYS A 12 0.58 -6.55 -4.68
C CYS A 12 0.80 -7.29 -6.03
N NH2 A 13 1.21 -8.55 -6.02
HN1 NH2 A 13 1.30 -8.98 -6.94
HN2 NH2 A 13 1.32 -9.00 -5.09
N GLY A 1 -4.58 -5.59 -0.95
CA GLY A 1 -5.03 -4.17 -0.94
C GLY A 1 -3.90 -3.13 -0.83
N CYS A 2 -3.29 -2.80 -1.96
CA CYS A 2 -2.25 -1.74 -2.03
C CYS A 2 -2.86 -0.35 -2.41
N CYS A 3 -2.61 0.66 -1.56
CA CYS A 3 -3.21 2.02 -1.71
C CYS A 3 -2.23 3.13 -1.23
N SER A 4 -2.47 3.82 -0.10
CA SER A 4 -1.57 4.88 0.41
C SER A 4 -0.24 4.36 1.08
N ASP A 5 0.82 4.21 0.26
CA ASP A 5 2.17 3.68 0.63
C ASP A 5 2.73 3.79 2.11
N ALA A 6 2.70 4.99 2.71
CA ALA A 6 3.09 5.19 4.14
C ALA A 6 2.39 4.31 5.23
N ARG A 7 1.08 4.03 5.06
CA ARG A 7 0.26 3.25 6.03
C ARG A 7 -0.48 2.02 5.39
N CYS A 8 -1.13 2.17 4.22
CA CYS A 8 -1.54 1.02 3.36
C CYS A 8 -0.37 0.52 2.44
N ALA A 9 -0.50 -0.73 1.95
CA ALA A 9 0.59 -1.41 1.21
C ALA A 9 0.97 -0.86 -0.21
N TRP A 10 2.07 -1.39 -0.76
CA TRP A 10 2.50 -1.19 -2.17
C TRP A 10 2.80 -2.49 -3.00
N ARG A 11 3.17 -3.62 -2.38
CA ARG A 11 3.48 -4.90 -3.09
C ARG A 11 2.22 -5.79 -3.28
N CYS A 12 1.50 -5.61 -4.39
CA CYS A 12 0.43 -6.53 -4.85
C CYS A 12 0.81 -7.14 -6.23
N NH2 A 13 1.23 -8.39 -6.29
HN1 NH2 A 13 1.52 -8.71 -7.21
HN2 NH2 A 13 1.35 -8.88 -5.39
N GLY A 1 -4.36 -5.54 -0.20
CA GLY A 1 -4.76 -4.37 -1.01
C GLY A 1 -3.74 -3.22 -1.00
N CYS A 2 -3.17 -2.89 -2.15
CA CYS A 2 -2.24 -1.74 -2.29
C CYS A 2 -2.98 -0.37 -2.52
N CYS A 3 -2.65 0.63 -1.70
CA CYS A 3 -3.26 1.99 -1.76
C CYS A 3 -2.30 3.09 -1.20
N SER A 4 -2.66 3.83 -0.13
CA SER A 4 -1.82 4.96 0.40
C SER A 4 -0.49 4.52 1.10
N ASP A 5 0.65 4.79 0.45
CA ASP A 5 1.97 4.16 0.74
C ASP A 5 2.56 4.22 2.19
N ALA A 6 2.35 5.31 2.95
CA ALA A 6 2.69 5.37 4.39
C ALA A 6 2.13 4.24 5.33
N ARG A 7 0.87 3.79 5.12
CA ARG A 7 0.19 2.78 5.99
C ARG A 7 -0.37 1.57 5.19
N CYS A 8 -1.20 1.78 4.16
CA CYS A 8 -1.57 0.74 3.18
C CYS A 8 -0.40 0.30 2.22
N ALA A 9 -0.51 -0.90 1.66
CA ALA A 9 0.60 -1.52 0.89
C ALA A 9 0.99 -0.84 -0.45
N TRP A 10 2.19 -1.16 -0.92
CA TRP A 10 2.59 -1.03 -2.35
C TRP A 10 2.98 -2.38 -3.07
N ARG A 11 3.35 -3.45 -2.34
CA ARG A 11 3.74 -4.76 -2.91
C ARG A 11 2.50 -5.72 -3.13
N CYS A 12 1.96 -5.76 -4.35
CA CYS A 12 0.84 -6.64 -4.74
C CYS A 12 1.18 -7.43 -6.04
N NH2 A 13 1.71 -8.64 -5.95
HN1 NH2 A 13 1.97 -9.07 -6.85
HN2 NH2 A 13 1.87 -9.00 -5.01
N GLY A 1 -4.33 -5.73 -0.12
CA GLY A 1 -4.90 -4.50 -0.76
C GLY A 1 -3.90 -3.34 -0.85
N CYS A 2 -3.36 -3.07 -2.05
CA CYS A 2 -2.39 -1.97 -2.25
C CYS A 2 -3.08 -0.57 -2.42
N CYS A 3 -2.82 0.34 -1.47
CA CYS A 3 -3.41 1.71 -1.47
C CYS A 3 -2.36 2.78 -1.03
N SER A 4 -2.62 3.65 -0.04
CA SER A 4 -1.70 4.79 0.29
C SER A 4 -0.37 4.37 1.02
N ASP A 5 0.75 4.51 0.31
CA ASP A 5 2.11 3.98 0.67
C ASP A 5 2.65 4.07 2.14
N ALA A 6 2.44 5.19 2.86
CA ALA A 6 2.85 5.33 4.29
C ALA A 6 2.29 4.30 5.33
N ARG A 7 1.05 3.83 5.18
CA ARG A 7 0.44 2.82 6.09
C ARG A 7 -0.14 1.57 5.36
N CYS A 8 -0.93 1.75 4.30
CA CYS A 8 -1.30 0.67 3.35
C CYS A 8 -0.13 0.27 2.38
N ALA A 9 -0.26 -0.89 1.70
CA ALA A 9 0.81 -1.43 0.84
C ALA A 9 1.00 -0.73 -0.55
N TRP A 10 2.22 -0.85 -1.07
CA TRP A 10 2.53 -0.70 -2.52
C TRP A 10 2.77 -2.05 -3.30
N ARG A 11 3.20 -3.14 -2.65
CA ARG A 11 3.57 -4.43 -3.30
C ARG A 11 2.34 -5.36 -3.55
N CYS A 12 1.87 -5.43 -4.79
CA CYS A 12 0.90 -6.45 -5.26
C CYS A 12 1.40 -7.11 -6.59
N NH2 A 13 1.34 -8.41 -6.75
HN1 NH2 A 13 1.78 -8.75 -7.61
HN2 NH2 A 13 0.92 -8.97 -6.00
N GLY A 1 -3.70 -5.55 -0.55
CA GLY A 1 -4.33 -4.21 -0.66
C GLY A 1 -3.34 -3.04 -0.70
N CYS A 2 -3.03 -2.53 -1.90
CA CYS A 2 -2.11 -1.37 -2.06
C CYS A 2 -2.85 0.01 -2.17
N CYS A 3 -3.58 0.38 -1.11
CA CYS A 3 -4.55 1.50 -1.16
C CYS A 3 -3.98 2.95 -1.01
N SER A 4 -3.10 3.19 -0.03
CA SER A 4 -2.15 4.33 -0.05
C SER A 4 -0.69 3.90 0.34
N ASP A 5 0.29 4.83 0.31
CA ASP A 5 1.73 4.46 0.27
C ASP A 5 2.37 4.08 1.65
N ALA A 6 2.50 5.01 2.61
CA ALA A 6 3.22 4.77 3.90
C ALA A 6 2.66 3.64 4.83
N ARG A 7 1.35 3.64 5.15
CA ARG A 7 0.73 2.63 6.05
C ARG A 7 0.04 1.42 5.35
N CYS A 8 -0.71 1.61 4.25
CA CYS A 8 -1.47 0.52 3.59
C CYS A 8 -0.57 -0.49 2.80
N ALA A 9 -0.13 -0.18 1.56
CA ALA A 9 0.99 -0.90 0.87
C ALA A 9 1.30 -0.26 -0.54
N TRP A 10 2.51 -0.55 -1.04
CA TRP A 10 2.84 -0.48 -2.49
C TRP A 10 3.00 -1.87 -3.23
N ARG A 11 3.41 -2.97 -2.57
CA ARG A 11 3.56 -4.32 -3.19
C ARG A 11 2.22 -5.12 -3.25
N CYS A 12 1.76 -5.49 -4.47
CA CYS A 12 0.59 -6.39 -4.65
C CYS A 12 0.83 -7.49 -5.74
N NH2 A 13 0.02 -8.54 -5.77
HN1 NH2 A 13 0.33 -9.29 -6.39
HN2 NH2 A 13 -0.68 -8.59 -5.03
N GLY A 1 -4.16 -5.46 -0.25
CA GLY A 1 -4.65 -4.10 -0.55
C GLY A 1 -3.57 -3.01 -0.59
N CYS A 2 -3.20 -2.56 -1.79
CA CYS A 2 -2.26 -1.41 -1.99
C CYS A 2 -2.98 -0.05 -2.23
N CYS A 3 -3.71 0.46 -1.23
CA CYS A 3 -4.54 1.68 -1.36
C CYS A 3 -3.77 3.03 -1.24
N SER A 4 -3.40 3.49 -0.04
CA SER A 4 -2.29 4.48 0.13
C SER A 4 -0.86 3.83 0.23
N ASP A 5 0.21 4.63 0.17
CA ASP A 5 1.60 4.11 0.12
C ASP A 5 2.17 3.66 1.52
N ALA A 6 2.57 4.59 2.40
CA ALA A 6 3.33 4.28 3.64
C ALA A 6 2.68 3.30 4.67
N ARG A 7 1.37 3.41 4.94
CA ARG A 7 0.64 2.50 5.88
C ARG A 7 -0.17 1.36 5.18
N CYS A 8 -0.98 1.61 4.14
CA CYS A 8 -1.77 0.56 3.45
C CYS A 8 -0.88 -0.46 2.65
N ALA A 9 -0.41 -0.14 1.44
CA ALA A 9 0.77 -0.81 0.79
C ALA A 9 1.12 -0.18 -0.60
N TRP A 10 2.35 -0.41 -1.04
CA TRP A 10 2.72 -0.43 -2.49
C TRP A 10 2.94 -1.87 -3.09
N ARG A 11 3.52 -2.84 -2.35
CA ARG A 11 3.74 -4.24 -2.86
C ARG A 11 2.44 -5.12 -2.81
N CYS A 12 1.94 -5.55 -3.97
CA CYS A 12 0.81 -6.52 -4.07
C CYS A 12 1.04 -7.51 -5.26
N NH2 A 13 1.35 -8.77 -5.02
HN1 NH2 A 13 1.55 -9.31 -5.87
HN2 NH2 A 13 1.54 -9.04 -4.04
N GLY A 1 -2.70 -5.30 0.42
CA GLY A 1 -3.71 -4.43 -0.24
C GLY A 1 -3.19 -3.01 -0.54
N CYS A 2 -2.97 -2.69 -1.82
CA CYS A 2 -2.29 -1.42 -2.21
C CYS A 2 -3.24 -0.21 -2.49
N CYS A 3 -3.83 0.36 -1.43
CA CYS A 3 -4.62 1.62 -1.53
C CYS A 3 -3.70 2.89 -1.45
N SER A 4 -3.51 3.55 -0.31
CA SER A 4 -2.35 4.49 -0.12
C SER A 4 -0.95 3.79 0.03
N ASP A 5 0.15 4.54 0.13
CA ASP A 5 1.53 3.97 0.09
C ASP A 5 2.08 3.52 1.49
N ALA A 6 2.53 4.45 2.35
CA ALA A 6 3.22 4.15 3.63
C ALA A 6 2.48 3.26 4.68
N ARG A 7 1.18 3.49 4.91
CA ARG A 7 0.36 2.70 5.87
C ARG A 7 -0.45 1.51 5.23
N CYS A 8 -1.07 1.70 4.05
CA CYS A 8 -1.81 0.62 3.33
C CYS A 8 -0.83 -0.38 2.60
N ALA A 9 -0.42 -0.15 1.34
CA ALA A 9 0.73 -0.86 0.72
C ALA A 9 1.22 -0.22 -0.63
N TRP A 10 2.51 -0.42 -0.93
CA TRP A 10 3.07 -0.26 -2.31
C TRP A 10 3.31 -1.62 -3.08
N ARG A 11 3.81 -2.69 -2.44
CA ARG A 11 3.97 -4.03 -3.10
C ARG A 11 2.62 -4.83 -3.14
N CYS A 12 2.19 -5.25 -4.33
CA CYS A 12 1.14 -6.28 -4.50
C CYS A 12 1.56 -7.32 -5.59
N NH2 A 13 1.53 -8.61 -5.32
HN1 NH2 A 13 1.91 -9.20 -6.06
HN2 NH2 A 13 1.43 -8.86 -4.32
N GLY A 1 -2.75 -5.56 -0.03
CA GLY A 1 -3.76 -4.49 -0.22
C GLY A 1 -3.19 -3.08 -0.42
N CYS A 2 -2.81 -2.77 -1.66
CA CYS A 2 -2.23 -1.45 -2.02
C CYS A 2 -3.32 -0.36 -2.32
N CYS A 3 -3.62 0.47 -1.30
CA CYS A 3 -4.53 1.63 -1.44
C CYS A 3 -3.73 2.98 -1.36
N SER A 4 -3.42 3.55 -0.17
CA SER A 4 -2.19 4.41 -0.02
C SER A 4 -0.82 3.60 -0.02
N ASP A 5 0.32 4.27 0.09
CA ASP A 5 1.66 3.62 -0.07
C ASP A 5 2.27 3.19 1.31
N ALA A 6 2.78 4.14 2.13
CA ALA A 6 3.28 3.83 3.50
C ALA A 6 2.23 3.37 4.56
N ARG A 7 1.02 3.95 4.57
CA ARG A 7 -0.08 3.55 5.50
C ARG A 7 -1.09 2.44 5.02
N CYS A 8 -0.91 1.85 3.83
CA CYS A 8 -1.74 0.73 3.32
C CYS A 8 -0.81 -0.39 2.76
N ALA A 9 -0.35 -0.30 1.49
CA ALA A 9 0.79 -1.08 0.98
C ALA A 9 1.37 -0.52 -0.36
N TRP A 10 2.67 -0.77 -0.57
CA TRP A 10 3.33 -0.59 -1.89
C TRP A 10 3.48 -1.91 -2.75
N ARG A 11 3.81 -3.07 -2.13
CA ARG A 11 4.05 -4.34 -2.88
C ARG A 11 2.72 -5.11 -3.22
N CYS A 12 2.25 -5.06 -4.47
CA CYS A 12 1.12 -5.90 -4.97
C CYS A 12 1.36 -6.38 -6.45
N NH2 A 13 1.04 -7.60 -6.80
HN1 NH2 A 13 1.19 -7.79 -7.79
HN2 NH2 A 13 0.47 -8.15 -6.14
N GLY A 1 -2.80 -5.76 -0.33
CA GLY A 1 -3.74 -4.62 -0.39
C GLY A 1 -3.09 -3.24 -0.59
N CYS A 2 -2.72 -2.93 -1.83
CA CYS A 2 -2.10 -1.63 -2.18
C CYS A 2 -3.14 -0.50 -2.49
N CYS A 3 -3.61 0.19 -1.43
CA CYS A 3 -4.47 1.39 -1.57
C CYS A 3 -3.61 2.71 -1.51
N SER A 4 -3.41 3.34 -0.34
CA SER A 4 -2.26 4.28 -0.14
C SER A 4 -0.85 3.57 -0.05
N ASP A 5 0.24 4.35 0.10
CA ASP A 5 1.63 3.80 0.09
C ASP A 5 2.18 3.54 1.53
N ALA A 6 2.39 4.61 2.34
CA ALA A 6 2.92 4.48 3.73
C ALA A 6 1.99 3.72 4.74
N ARG A 7 0.71 4.11 4.87
CA ARG A 7 -0.26 3.45 5.79
C ARG A 7 -1.27 2.44 5.14
N CYS A 8 -0.97 1.88 3.96
CA CYS A 8 -1.74 0.75 3.35
C CYS A 8 -0.70 -0.27 2.77
N ALA A 9 -0.36 -0.25 1.46
CA ALA A 9 0.80 -1.00 0.92
C ALA A 9 1.31 -0.47 -0.46
N TRP A 10 2.59 -0.76 -0.73
CA TRP A 10 3.23 -0.57 -2.07
C TRP A 10 3.44 -1.90 -2.88
N ARG A 11 3.83 -3.04 -2.25
CA ARG A 11 4.14 -4.30 -2.98
C ARG A 11 2.85 -5.13 -3.33
N CYS A 12 2.41 -5.13 -4.60
CA CYS A 12 1.33 -6.03 -5.09
C CYS A 12 1.67 -6.55 -6.52
N NH2 A 13 1.98 -7.82 -6.71
HN1 NH2 A 13 2.19 -8.06 -7.68
HN2 NH2 A 13 1.97 -8.42 -5.89
N GLY A 1 -4.30 -5.95 -2.84
CA GLY A 1 -4.75 -4.53 -2.92
C GLY A 1 -3.82 -3.53 -2.22
N CYS A 2 -2.96 -2.88 -2.99
CA CYS A 2 -2.11 -1.76 -2.51
C CYS A 2 -2.86 -0.38 -2.54
N CYS A 3 -2.72 0.41 -1.48
CA CYS A 3 -3.46 1.68 -1.31
C CYS A 3 -2.61 2.80 -0.64
N SER A 4 -2.75 3.09 0.66
CA SER A 4 -2.13 4.30 1.30
C SER A 4 -0.64 4.21 1.83
N ASP A 5 0.29 3.65 1.03
CA ASP A 5 1.77 3.85 1.14
C ASP A 5 2.48 3.42 2.49
N ALA A 6 2.50 4.29 3.52
CA ALA A 6 2.91 3.90 4.89
C ALA A 6 1.98 2.84 5.59
N ARG A 7 0.66 3.04 5.57
CA ARG A 7 -0.32 2.08 6.18
C ARG A 7 -0.64 0.84 5.28
N CYS A 8 -1.16 1.04 4.06
CA CYS A 8 -1.48 -0.05 3.09
C CYS A 8 -0.48 -0.01 1.90
N ALA A 9 0.65 -0.73 2.02
CA ALA A 9 1.85 -0.45 1.20
C ALA A 9 1.83 -0.78 -0.33
N TRP A 10 2.86 -0.30 -1.02
CA TRP A 10 3.02 -0.37 -2.50
C TRP A 10 3.24 -1.77 -3.21
N ARG A 11 3.86 -2.78 -2.56
CA ARG A 11 4.14 -4.10 -3.21
C ARG A 11 2.90 -5.06 -3.25
N CYS A 12 2.32 -5.29 -4.44
CA CYS A 12 1.28 -6.33 -4.65
C CYS A 12 1.67 -7.28 -5.83
N NH2 A 13 2.30 -8.42 -5.58
HN1 NH2 A 13 2.54 -8.97 -6.40
HN2 NH2 A 13 2.56 -8.60 -4.60
N GLY A 1 -4.26 -6.04 -3.37
CA GLY A 1 -4.56 -4.59 -3.51
C GLY A 1 -3.60 -3.67 -2.72
N CYS A 2 -2.81 -2.87 -3.43
CA CYS A 2 -1.92 -1.83 -2.83
C CYS A 2 -2.47 -0.39 -3.02
N CYS A 3 -2.34 0.48 -2.01
CA CYS A 3 -2.94 1.85 -2.04
C CYS A 3 -2.07 2.93 -1.30
N SER A 4 -2.52 3.58 -0.21
CA SER A 4 -1.77 4.70 0.45
C SER A 4 -0.54 4.29 1.35
N ASP A 5 0.58 3.96 0.67
CA ASP A 5 1.96 3.82 1.23
C ASP A 5 2.21 3.57 2.77
N ALA A 6 2.22 4.64 3.61
CA ALA A 6 2.39 4.52 5.08
C ALA A 6 1.29 3.77 5.94
N ARG A 7 0.08 3.55 5.39
CA ARG A 7 -0.94 2.64 5.98
C ARG A 7 -1.14 1.37 5.07
N CYS A 8 -1.62 1.53 3.84
CA CYS A 8 -1.83 0.43 2.85
C CYS A 8 -0.58 0.22 1.94
N ALA A 9 0.22 -0.82 2.22
CA ALA A 9 1.60 -0.92 1.67
C ALA A 9 1.73 -1.17 0.13
N TRP A 10 2.86 -0.73 -0.40
CA TRP A 10 3.14 -0.57 -1.86
C TRP A 10 3.34 -1.85 -2.74
N ARG A 11 4.01 -2.93 -2.28
CA ARG A 11 4.30 -4.13 -3.13
C ARG A 11 3.06 -5.06 -3.28
N CYS A 12 2.51 -5.24 -4.50
CA CYS A 12 1.54 -6.32 -4.80
C CYS A 12 2.08 -7.24 -5.94
N NH2 A 13 2.91 -8.21 -5.64
HN1 NH2 A 13 3.25 -8.77 -6.43
HN2 NH2 A 13 3.17 -8.30 -4.64
N GLY A 1 -3.83 -5.32 -1.07
CA GLY A 1 -4.13 -3.86 -1.12
C GLY A 1 -2.88 -2.97 -1.13
N CYS A 2 -2.49 -2.46 -2.30
CA CYS A 2 -1.29 -1.61 -2.46
C CYS A 2 -1.68 -0.17 -2.96
N CYS A 3 -1.75 0.79 -2.03
CA CYS A 3 -2.39 2.11 -2.28
C CYS A 3 -1.73 3.30 -1.49
N SER A 4 -2.27 3.72 -0.34
CA SER A 4 -1.77 4.91 0.42
C SER A 4 -0.49 4.70 1.32
N ASP A 5 0.69 4.58 0.66
CA ASP A 5 2.05 4.30 1.24
C ASP A 5 2.26 3.96 2.76
N ALA A 6 2.29 4.94 3.68
CA ALA A 6 2.38 4.69 5.14
C ALA A 6 1.14 4.07 5.91
N ARG A 7 0.05 3.73 5.20
CA ARG A 7 -1.08 2.90 5.70
C ARG A 7 -1.21 1.63 4.81
N CYS A 8 -1.73 1.75 3.58
CA CYS A 8 -1.82 0.66 2.59
C CYS A 8 -0.55 0.63 1.67
N ALA A 9 0.30 -0.40 1.79
CA ALA A 9 1.67 -0.36 1.22
C ALA A 9 1.77 -0.49 -0.35
N TRP A 10 2.64 -1.35 -0.89
CA TRP A 10 3.16 -1.24 -2.29
C TRP A 10 3.40 -2.58 -3.05
N ARG A 11 3.86 -3.67 -2.40
CA ARG A 11 4.11 -4.98 -3.09
C ARG A 11 2.81 -5.81 -3.30
N CYS A 12 2.22 -5.76 -4.50
CA CYS A 12 1.13 -6.69 -4.93
C CYS A 12 1.54 -7.35 -6.28
N NH2 A 13 1.80 -8.63 -6.34
HN1 NH2 A 13 2.18 -8.93 -7.24
HN2 NH2 A 13 1.78 -9.16 -5.47
N GLY A 1 -2.91 -5.32 -1.39
CA GLY A 1 -3.12 -3.95 -0.87
C GLY A 1 -2.01 -2.95 -1.22
N CYS A 2 -2.14 -2.29 -2.37
CA CYS A 2 -1.16 -1.27 -2.84
C CYS A 2 -1.85 0.10 -3.03
N CYS A 3 -1.85 0.92 -1.96
CA CYS A 3 -2.63 2.18 -1.89
C CYS A 3 -1.89 3.31 -1.10
N SER A 4 -2.44 3.90 -0.03
CA SER A 4 -1.83 5.07 0.66
C SER A 4 -0.55 4.75 1.53
N ASP A 5 0.63 4.87 0.90
CA ASP A 5 1.94 4.26 1.32
C ASP A 5 2.28 3.95 2.83
N ALA A 6 2.24 4.93 3.75
CA ALA A 6 2.41 4.67 5.21
C ALA A 6 1.31 3.81 5.93
N ARG A 7 0.03 4.00 5.57
CA ARG A 7 -1.10 3.13 6.02
C ARG A 7 -1.25 1.77 5.23
N CYS A 8 -1.21 1.81 3.89
CA CYS A 8 -1.35 0.64 3.00
C CYS A 8 -0.07 0.39 2.14
N ALA A 9 0.34 -0.87 1.99
CA ALA A 9 1.67 -1.25 1.45
C ALA A 9 1.87 -1.07 -0.11
N TRP A 10 2.75 -1.87 -0.75
CA TRP A 10 3.28 -1.57 -2.12
C TRP A 10 3.81 -2.80 -2.96
N ARG A 11 3.32 -4.04 -2.77
CA ARG A 11 3.72 -5.22 -3.62
C ARG A 11 2.48 -6.11 -3.93
N CYS A 12 1.84 -5.91 -5.09
CA CYS A 12 0.60 -6.63 -5.48
C CYS A 12 0.73 -7.28 -6.88
N NH2 A 13 0.83 -8.59 -7.00
HN1 NH2 A 13 0.95 -8.94 -7.95
HN2 NH2 A 13 0.92 -9.13 -6.13
#